data_6H9H
#
_entry.id   6H9H
#
_cell.length_a   85.563
_cell.length_b   100.989
_cell.length_c   101.933
_cell.angle_alpha   90.00
_cell.angle_beta   90.00
_cell.angle_gamma   90.00
#
_symmetry.space_group_name_H-M   'P 21 21 21'
#
loop_
_entity.id
_entity.type
_entity.pdbx_description
1 polymer Csf5
2 polymer crRNA
3 non-polymer GLYCEROL
4 non-polymer 'MANGANESE (II) ION'
5 non-polymer 'L(+)-TARTARIC ACID'
6 water water
#
loop_
_entity_poly.entity_id
_entity_poly.type
_entity_poly.pdbx_seq_one_letter_code
_entity_poly.pdbx_strand_id
1 'polypeptide(L)'
;MGQQHLLRFALPAGKKLWPNDLREALAKHDLPPLFFSRDPQTGHAITRAMRNEKRVRGYIEQHGHEPPPPTEEQRANPLA
IPGIRIVGSSTWVGILATGERYKPLLEAATLPAIQIVTQRCGRGVGVELEQHTLSIKGLDDPKRYFVRNLVMKRGLTKTA
ENTTQVASRILSALERQAVAYSLDLPPTAQVDIHVESVVRPRGMRLVTSTGATEQFVGLADVEFYACLDLKGYWFAGNLT
SRGYGRIIADHPAMSTGRYAHHHHHH
;
B,A
2 'polyribonucleotide' CUCGGUGUUCCCCGCGCAUCGCGGG(23G) D,E
#
# COMPACT_ATOMS: atom_id res chain seq x y z
N GLY A 2 -1.31 -24.23 -0.92
CA GLY A 2 -2.58 -23.81 -0.38
C GLY A 2 -3.06 -24.63 0.81
N GLN A 3 -2.68 -25.90 0.88
CA GLN A 3 -3.10 -26.80 1.95
C GLN A 3 -2.02 -26.90 3.01
N GLN A 4 -2.42 -26.78 4.27
CA GLN A 4 -1.50 -26.85 5.39
C GLN A 4 -1.81 -28.06 6.24
N HIS A 5 -0.75 -28.73 6.70
CA HIS A 5 -0.86 -29.87 7.60
C HIS A 5 -0.08 -29.59 8.86
N LEU A 6 -0.73 -29.75 10.01
CA LEU A 6 -0.10 -29.50 11.30
C LEU A 6 -0.18 -30.77 12.14
N LEU A 7 0.97 -31.33 12.47
CA LEU A 7 1.08 -32.42 13.44
C LEU A 7 1.28 -31.75 14.79
N ARG A 8 0.34 -31.91 15.71
CA ARG A 8 0.32 -31.14 16.94
C ARG A 8 0.38 -32.07 18.15
N PHE A 9 1.30 -31.80 19.07
CA PHE A 9 1.41 -32.57 20.32
C PHE A 9 1.00 -31.71 21.51
N ALA A 10 0.02 -32.16 22.28
CA ALA A 10 -0.36 -31.47 23.52
C ALA A 10 0.56 -31.91 24.65
N LEU A 11 1.19 -30.95 25.30
CA LEU A 11 2.17 -31.30 26.34
C LEU A 11 1.47 -31.43 27.69
N PRO A 12 1.88 -32.38 28.52
CA PRO A 12 1.28 -32.51 29.85
C PRO A 12 1.59 -31.28 30.71
N ALA A 13 0.75 -31.09 31.74
CA ALA A 13 0.75 -29.86 32.51
C ALA A 13 2.14 -29.48 33.01
N GLY A 14 2.92 -30.45 33.49
CA GLY A 14 4.18 -30.02 34.08
C GLY A 14 5.33 -29.71 33.15
N LYS A 15 5.14 -29.77 31.83
CA LYS A 15 6.25 -30.01 30.92
C LYS A 15 6.41 -28.90 29.88
N LYS A 16 7.65 -28.53 29.61
CA LYS A 16 7.99 -27.61 28.54
C LYS A 16 8.75 -28.37 27.46
N LEU A 17 8.43 -28.07 26.21
CA LEU A 17 9.28 -28.53 25.10
C LEU A 17 9.15 -27.45 24.04
N TRP A 18 10.09 -26.51 24.04
CA TRP A 18 9.93 -25.36 23.18
C TRP A 18 10.15 -25.77 21.72
N PRO A 19 9.51 -25.06 20.77
CA PRO A 19 9.73 -25.42 19.36
C PRO A 19 11.20 -25.52 18.97
N ASN A 20 12.07 -24.64 19.51
CA ASN A 20 13.48 -24.76 19.20
C ASN A 20 14.07 -26.05 19.73
N ASP A 21 13.59 -26.52 20.87
CA ASP A 21 14.07 -27.77 21.44
C ASP A 21 13.70 -28.95 20.56
N LEU A 22 12.46 -28.99 20.09
CA LEU A 22 12.06 -30.04 19.15
C LEU A 22 12.87 -29.96 17.87
N ARG A 23 13.06 -28.74 17.34
CA ARG A 23 13.84 -28.60 16.11
C ARG A 23 15.26 -29.10 16.29
N GLU A 24 15.92 -28.67 17.38
CA GLU A 24 17.29 -29.11 17.63
C GLU A 24 17.38 -30.62 17.76
N ALA A 25 16.41 -31.25 18.42
CA ALA A 25 16.42 -32.70 18.60
C ALA A 25 16.16 -33.43 17.28
N LEU A 26 15.30 -32.88 16.44
CA LEU A 26 15.03 -33.51 15.14
C LEU A 26 16.28 -33.50 14.26
N ALA A 27 17.19 -32.56 14.47
CA ALA A 27 18.37 -32.43 13.63
C ALA A 27 19.32 -33.61 13.77
N LYS A 28 19.12 -34.45 14.78
CA LYS A 28 19.93 -35.63 15.00
C LYS A 28 19.32 -36.89 14.40
N HIS A 29 18.33 -36.76 13.51
CA HIS A 29 17.56 -37.91 13.06
C HIS A 29 17.66 -38.18 11.56
N ASP A 30 18.66 -37.62 10.89
CA ASP A 30 18.91 -37.92 9.48
C ASP A 30 17.70 -37.58 8.59
N LEU A 31 17.20 -36.36 8.74
CA LEU A 31 16.09 -35.93 7.90
C LEU A 31 16.61 -35.13 6.72
N PRO A 32 15.82 -34.99 5.65
CA PRO A 32 16.31 -34.25 4.47
C PRO A 32 16.58 -32.78 4.82
N PRO A 33 17.60 -32.18 4.20
CA PRO A 33 17.91 -30.76 4.47
C PRO A 33 16.72 -29.81 4.31
N LEU A 34 15.80 -30.08 3.40
CA LEU A 34 14.68 -29.17 3.20
C LEU A 34 13.74 -29.17 4.40
N PHE A 35 13.77 -30.22 5.22
CA PHE A 35 12.99 -30.17 6.46
C PHE A 35 13.40 -28.97 7.30
N PHE A 36 14.69 -28.63 7.29
CA PHE A 36 15.24 -27.51 8.04
C PHE A 36 15.37 -26.24 7.20
N SER A 37 14.67 -26.18 6.08
CA SER A 37 14.66 -25.00 5.22
C SER A 37 16.07 -24.70 4.66
N ARG A 38 16.81 -25.77 4.42
CA ARG A 38 18.06 -25.73 3.68
C ARG A 38 17.83 -26.29 2.29
N ASP A 39 18.25 -25.54 1.27
CA ASP A 39 18.11 -25.96 -0.12
C ASP A 39 19.07 -27.10 -0.39
N PRO A 40 18.58 -28.29 -0.76
CA PRO A 40 19.49 -29.42 -0.94
C PRO A 40 20.44 -29.25 -2.13
N GLN A 41 20.17 -28.30 -3.03
CA GLN A 41 21.06 -28.04 -4.14
C GLN A 41 22.01 -26.87 -3.91
N THR A 42 21.94 -26.20 -2.76
CA THR A 42 22.95 -25.22 -2.38
C THR A 42 23.70 -25.59 -1.12
N GLY A 43 23.13 -26.42 -0.25
CA GLY A 43 23.67 -26.65 1.06
C GLY A 43 23.53 -25.48 2.02
N HIS A 44 22.78 -24.44 1.64
CA HIS A 44 22.54 -23.27 2.47
C HIS A 44 21.04 -23.05 2.63
N ALA A 45 20.71 -22.10 3.51
CA ALA A 45 19.31 -21.80 3.79
C ALA A 45 18.60 -21.34 2.54
N ILE A 46 17.33 -21.73 2.39
CA ILE A 46 16.55 -21.31 1.23
C ILE A 46 16.62 -19.80 1.06
N THR A 47 16.61 -19.33 -0.18
CA THR A 47 16.68 -17.91 -0.40
C THR A 47 15.81 -17.52 -1.60
N ARG A 48 15.47 -16.22 -1.67
CA ARG A 48 14.57 -15.71 -2.70
C ARG A 48 15.18 -15.86 -4.10
N ALA A 49 14.31 -15.84 -5.10
CA ALA A 49 14.71 -15.94 -6.49
C ALA A 49 14.79 -14.55 -7.12
N MET A 50 15.64 -14.42 -8.15
CA MET A 50 15.71 -13.19 -8.94
C MET A 50 14.59 -13.16 -9.98
N ARG A 51 14.45 -12.04 -10.67
CA ARG A 51 13.55 -12.02 -11.83
C ARG A 51 13.85 -10.89 -12.82
N ASN A 52 14.83 -10.04 -12.49
CA ASN A 52 14.98 -8.75 -13.15
C ASN A 52 16.02 -8.76 -14.27
N GLU A 53 15.78 -7.91 -15.28
CA GLU A 53 16.77 -7.70 -16.33
C GLU A 53 17.92 -6.84 -15.84
N LYS A 54 17.65 -5.97 -14.85
CA LYS A 54 18.73 -5.19 -14.24
C LYS A 54 19.54 -6.05 -13.27
N ARG A 55 18.90 -7.01 -12.60
CA ARG A 55 19.64 -7.94 -11.73
C ARG A 55 20.54 -8.85 -12.56
N VAL A 56 20.09 -9.29 -13.75
CA VAL A 56 20.94 -10.08 -14.62
C VAL A 56 22.20 -9.30 -15.00
N ARG A 57 22.01 -8.04 -15.42
CA ARG A 57 23.14 -7.19 -15.79
C ARG A 57 24.13 -7.08 -14.63
N GLY A 58 23.64 -6.78 -13.43
CA GLY A 58 24.52 -6.71 -12.28
C GLY A 58 25.21 -8.03 -12.00
N TYR A 59 24.50 -9.14 -12.19
CA TYR A 59 25.09 -10.46 -11.99
C TYR A 59 26.20 -10.72 -13.01
N ILE A 60 25.97 -10.33 -14.27
CA ILE A 60 26.98 -10.56 -15.32
C ILE A 60 28.24 -9.76 -15.02
N GLU A 61 28.07 -8.51 -14.57
CA GLU A 61 29.21 -7.68 -14.21
C GLU A 61 30.01 -8.27 -13.06
N GLN A 62 29.35 -8.93 -12.11
CA GLN A 62 30.05 -9.53 -10.99
C GLN A 62 30.70 -10.85 -11.36
N HIS A 63 29.97 -11.73 -12.04
CA HIS A 63 30.40 -13.10 -12.21
C HIS A 63 30.92 -13.42 -13.60
N GLY A 64 30.64 -12.59 -14.60
CA GLY A 64 31.11 -12.89 -15.94
C GLY A 64 30.29 -13.93 -16.66
N HIS A 65 29.09 -14.22 -16.19
CA HIS A 65 28.14 -15.06 -16.90
C HIS A 65 26.74 -14.77 -16.38
N GLU A 66 25.76 -15.34 -17.05
CA GLU A 66 24.37 -15.10 -16.69
C GLU A 66 23.95 -16.01 -15.54
N PRO A 67 22.92 -15.63 -14.80
CA PRO A 67 22.47 -16.45 -13.66
C PRO A 67 22.09 -17.84 -14.12
N PRO A 68 22.49 -18.88 -13.37
CA PRO A 68 22.03 -20.24 -13.65
C PRO A 68 20.53 -20.37 -13.44
N PRO A 69 19.92 -21.48 -13.84
CA PRO A 69 18.49 -21.66 -13.55
C PRO A 69 18.27 -21.76 -12.06
N PRO A 70 17.07 -21.43 -11.59
CA PRO A 70 16.75 -21.64 -10.18
C PRO A 70 16.85 -23.12 -9.82
N THR A 71 17.30 -23.37 -8.58
CA THR A 71 17.17 -24.72 -8.05
C THR A 71 15.69 -25.14 -8.01
N GLU A 72 15.46 -26.43 -7.75
CA GLU A 72 14.10 -26.92 -7.66
C GLU A 72 13.32 -26.19 -6.57
N GLU A 73 13.95 -25.97 -5.41
CA GLU A 73 13.23 -25.26 -4.34
C GLU A 73 13.05 -23.80 -4.67
N GLN A 74 14.06 -23.18 -5.31
CA GLN A 74 13.91 -21.78 -5.70
C GLN A 74 12.77 -21.62 -6.71
N ARG A 75 12.58 -22.59 -7.59
CA ARG A 75 11.50 -22.50 -8.56
C ARG A 75 10.15 -22.71 -7.90
N ALA A 76 10.08 -23.68 -6.98
CA ALA A 76 8.82 -23.97 -6.31
C ALA A 76 8.48 -22.91 -5.27
N ASN A 77 9.50 -22.23 -4.73
CA ASN A 77 9.34 -21.37 -3.55
C ASN A 77 10.10 -20.07 -3.78
N PRO A 78 9.66 -19.26 -4.75
CA PRO A 78 10.47 -18.09 -5.14
C PRO A 78 10.53 -16.99 -4.11
N LEU A 79 9.57 -16.93 -3.19
CA LEU A 79 9.64 -15.94 -2.12
C LEU A 79 10.31 -16.47 -0.85
N ALA A 80 10.82 -17.69 -0.86
CA ALA A 80 11.61 -18.24 0.24
C ALA A 80 10.80 -18.25 1.54
N ILE A 81 9.59 -18.76 1.45
CA ILE A 81 8.75 -18.95 2.63
C ILE A 81 8.95 -20.38 3.13
N PRO A 82 9.23 -20.60 4.41
CA PRO A 82 9.55 -21.98 4.86
C PRO A 82 8.37 -22.93 4.72
N GLY A 83 8.56 -23.96 3.91
CA GLY A 83 7.55 -24.98 3.73
C GLY A 83 7.35 -25.86 4.96
N ILE A 84 8.39 -25.99 5.78
CA ILE A 84 8.30 -26.65 7.09
C ILE A 84 8.62 -25.63 8.18
N ARG A 85 7.74 -25.50 9.16
CA ARG A 85 8.03 -24.72 10.36
C ARG A 85 7.80 -25.58 11.59
N ILE A 86 8.64 -25.41 12.60
CA ILE A 86 8.42 -26.02 13.91
C ILE A 86 7.76 -24.95 14.76
N VAL A 87 6.57 -25.24 15.28
CA VAL A 87 5.69 -24.23 15.86
C VAL A 87 5.23 -24.69 17.24
N GLY A 88 4.62 -23.80 17.98
CA GLY A 88 4.03 -24.20 19.25
C GLY A 88 3.85 -23.02 20.18
N SER A 89 3.56 -23.36 21.43
CA SER A 89 3.40 -22.37 22.49
C SER A 89 3.76 -23.08 23.80
N SER A 90 3.39 -22.47 24.94
CA SER A 90 3.77 -23.09 26.20
C SER A 90 3.07 -24.42 26.43
N THR A 91 1.91 -24.67 25.79
CA THR A 91 1.14 -25.90 26.02
C THR A 91 1.21 -26.93 24.90
N TRP A 92 1.92 -26.67 23.80
CA TRP A 92 1.94 -27.64 22.71
C TRP A 92 3.12 -27.35 21.79
N VAL A 93 3.46 -28.35 20.98
CA VAL A 93 4.55 -28.19 20.01
C VAL A 93 4.21 -29.01 18.77
N GLY A 94 4.73 -28.60 17.62
CA GLY A 94 4.25 -29.26 16.43
C GLY A 94 5.09 -28.97 15.21
N ILE A 95 4.70 -29.62 14.12
CA ILE A 95 5.38 -29.50 12.82
C ILE A 95 4.34 -29.04 11.80
N LEU A 96 4.60 -27.92 11.11
CA LEU A 96 3.67 -27.34 10.16
C LEU A 96 4.23 -27.48 8.74
N ALA A 97 3.50 -28.18 7.86
CA ALA A 97 3.86 -28.24 6.45
C ALA A 97 2.88 -27.39 5.66
N THR A 98 3.39 -26.44 4.89
CA THR A 98 2.53 -25.57 4.10
C THR A 98 2.74 -25.93 2.64
N GLY A 99 1.76 -26.60 2.05
CA GLY A 99 1.86 -27.06 0.68
C GLY A 99 2.15 -28.54 0.62
N GLU A 100 1.44 -29.24 -0.29
CA GLU A 100 1.61 -30.67 -0.46
C GLU A 100 3.05 -31.06 -0.76
N ARG A 101 3.81 -30.18 -1.43
CA ARG A 101 5.24 -30.39 -1.68
C ARG A 101 5.98 -30.82 -0.43
N TYR A 102 5.63 -30.25 0.72
CA TYR A 102 6.40 -30.48 1.94
C TYR A 102 5.80 -31.57 2.83
N LYS A 103 4.63 -32.08 2.51
CA LYS A 103 4.05 -33.11 3.37
C LYS A 103 4.94 -34.35 3.54
N PRO A 104 5.66 -34.85 2.53
CA PRO A 104 6.53 -36.01 2.81
C PRO A 104 7.63 -35.73 3.82
N LEU A 105 8.07 -34.46 3.95
CA LEU A 105 9.06 -34.13 4.98
C LEU A 105 8.45 -34.24 6.37
N LEU A 106 7.22 -33.72 6.54
CA LEU A 106 6.47 -33.95 7.78
C LEU A 106 6.32 -35.43 8.06
N GLU A 107 5.92 -36.21 7.05
CA GLU A 107 5.78 -37.66 7.27
C GLU A 107 7.09 -38.28 7.76
N ALA A 108 8.22 -37.91 7.14
CA ALA A 108 9.49 -38.49 7.56
C ALA A 108 9.83 -38.14 9.00
N ALA A 109 9.44 -36.95 9.44
CA ALA A 109 9.77 -36.52 10.78
C ALA A 109 8.78 -37.01 11.84
N THR A 110 7.73 -37.73 11.46
CA THR A 110 6.63 -37.94 12.41
C THR A 110 7.05 -38.87 13.55
N LEU A 111 7.51 -40.09 13.25
CA LEU A 111 7.94 -40.97 14.35
C LEU A 111 9.11 -40.39 15.14
N PRO A 112 10.15 -39.79 14.54
CA PRO A 112 11.15 -39.05 15.34
C PRO A 112 10.54 -38.04 16.29
N ALA A 113 9.60 -37.22 15.82
CA ALA A 113 8.93 -36.24 16.70
C ALA A 113 8.20 -36.92 17.85
N ILE A 114 7.50 -38.03 17.57
CA ILE A 114 6.85 -38.78 18.66
C ILE A 114 7.89 -39.26 19.66
N GLN A 115 9.00 -39.80 19.18
CA GLN A 115 10.05 -40.27 20.09
C GLN A 115 10.53 -39.14 20.97
N ILE A 116 10.84 -37.99 20.38
CA ILE A 116 11.38 -36.86 21.14
C ILE A 116 10.37 -36.36 22.17
N VAL A 117 9.11 -36.15 21.76
CA VAL A 117 8.14 -35.54 22.66
C VAL A 117 7.78 -36.50 23.80
N THR A 118 7.62 -37.80 23.49
CA THR A 118 7.28 -38.75 24.56
C THR A 118 8.46 -38.97 25.50
N GLN A 119 9.70 -38.97 24.98
CA GLN A 119 10.84 -39.15 25.88
C GLN A 119 11.04 -37.92 26.77
N ARG A 120 10.87 -36.72 26.21
CA ARG A 120 11.06 -35.51 27.01
C ARG A 120 9.93 -35.31 28.02
N CYS A 121 8.69 -35.62 27.65
CA CYS A 121 7.52 -35.30 28.46
C CYS A 121 7.04 -36.44 29.33
N GLY A 122 7.46 -37.68 29.05
CA GLY A 122 6.85 -38.83 29.67
C GLY A 122 5.45 -39.05 29.14
N ARG A 123 4.68 -39.81 29.93
CA ARG A 123 3.36 -40.20 29.49
C ARG A 123 2.38 -39.04 29.61
N GLY A 124 1.32 -39.10 28.79
CA GLY A 124 0.28 -38.10 28.76
C GLY A 124 0.30 -37.15 27.57
N VAL A 125 1.07 -37.44 26.52
CA VAL A 125 1.15 -36.57 25.34
C VAL A 125 -0.06 -36.84 24.45
N GLY A 126 -0.79 -35.78 24.09
CA GLY A 126 -1.91 -35.87 23.16
C GLY A 126 -1.43 -35.57 21.75
N VAL A 127 -2.14 -36.10 20.74
CA VAL A 127 -1.77 -35.85 19.35
C VAL A 127 -3.00 -35.46 18.54
N GLU A 128 -2.80 -34.49 17.64
CA GLU A 128 -3.82 -34.10 16.68
C GLU A 128 -3.13 -33.91 15.34
N LEU A 129 -3.90 -34.05 14.26
CA LEU A 129 -3.38 -33.80 12.93
C LEU A 129 -4.41 -32.91 12.24
N GLU A 130 -4.05 -31.65 12.00
CA GLU A 130 -4.95 -30.68 11.43
C GLU A 130 -4.69 -30.50 9.94
N GLN A 131 -5.74 -30.21 9.20
CA GLN A 131 -5.57 -29.78 7.82
C GLN A 131 -6.34 -28.48 7.62
N HIS A 132 -5.71 -27.53 6.93
CA HIS A 132 -6.33 -26.22 6.70
C HIS A 132 -6.08 -25.76 5.27
N THR A 133 -7.01 -24.96 4.76
CA THR A 133 -6.80 -24.22 3.51
C THR A 133 -6.45 -22.79 3.88
N LEU A 134 -5.27 -22.32 3.46
CA LEU A 134 -4.94 -20.92 3.72
C LEU A 134 -5.93 -20.04 2.99
N SER A 135 -6.52 -19.10 3.72
CA SER A 135 -7.41 -18.15 3.07
C SER A 135 -7.38 -16.83 3.82
N ILE A 136 -7.69 -15.77 3.09
CA ILE A 136 -7.72 -14.44 3.67
C ILE A 136 -8.92 -13.73 3.04
N LYS A 137 -9.79 -13.20 3.87
CA LYS A 137 -10.95 -12.51 3.32
C LYS A 137 -11.24 -11.29 4.17
N GLY A 138 -11.72 -10.23 3.52
CA GLY A 138 -11.98 -9.00 4.22
C GLY A 138 -13.21 -9.09 5.09
N LEU A 139 -13.25 -8.24 6.10
CA LEU A 139 -14.37 -8.16 7.02
C LEU A 139 -14.85 -6.73 7.08
N ASP A 140 -16.05 -6.55 7.62
CA ASP A 140 -16.58 -5.21 7.84
C ASP A 140 -16.19 -4.62 9.19
N ASP A 141 -15.86 -5.45 10.17
CA ASP A 141 -15.53 -5.00 11.50
C ASP A 141 -14.20 -5.58 11.95
N PRO A 142 -13.50 -4.91 12.88
CA PRO A 142 -12.16 -5.36 13.27
C PRO A 142 -12.20 -6.67 14.02
N LYS A 143 -11.19 -7.51 13.75
CA LYS A 143 -11.01 -8.81 14.39
C LYS A 143 -9.69 -8.78 15.15
N ARG A 144 -9.69 -9.34 16.35
CA ARG A 144 -8.56 -9.25 17.24
C ARG A 144 -7.60 -10.42 17.06
N TYR A 145 -6.31 -10.11 16.95
CA TYR A 145 -5.25 -11.10 16.74
C TYR A 145 -4.10 -10.83 17.68
N PHE A 146 -3.31 -11.88 17.90
CA PHE A 146 -2.03 -11.77 18.57
C PHE A 146 -0.93 -12.21 17.60
N VAL A 147 0.30 -11.82 17.89
CA VAL A 147 1.46 -12.47 17.32
C VAL A 147 2.29 -12.99 18.48
N ARG A 148 2.60 -14.29 18.48
CA ARG A 148 3.41 -14.86 19.53
C ARG A 148 4.87 -14.74 19.13
N ASN A 149 5.68 -14.08 19.97
CA ASN A 149 7.13 -14.03 19.82
C ASN A 149 7.51 -13.57 18.41
N LEU A 150 7.00 -12.41 18.02
CA LEU A 150 7.47 -11.77 16.80
C LEU A 150 8.96 -11.49 16.90
N VAL A 151 9.72 -11.85 15.88
CA VAL A 151 11.14 -11.56 15.81
C VAL A 151 11.38 -10.55 14.70
N MET A 152 12.07 -9.47 15.04
CA MET A 152 12.51 -8.49 14.06
C MET A 152 14.02 -8.37 14.20
N LYS A 153 14.73 -8.82 13.16
CA LYS A 153 16.19 -8.86 13.23
C LYS A 153 16.76 -7.47 13.41
N ARG A 154 16.12 -6.48 12.81
CA ARG A 154 16.45 -5.09 13.07
C ARG A 154 15.16 -4.28 13.21
N GLY A 155 15.23 -3.21 14.00
CA GLY A 155 14.23 -2.19 13.95
C GLY A 155 13.17 -2.18 15.04
N LEU A 156 13.22 -3.12 16.01
CA LEU A 156 12.26 -3.10 17.10
C LEU A 156 12.81 -2.27 18.24
N THR A 157 12.12 -1.17 18.57
CA THR A 157 12.48 -0.31 19.68
C THR A 157 11.52 -0.52 20.84
N LYS A 158 11.85 0.09 21.98
CA LYS A 158 10.98 0.07 23.15
C LYS A 158 10.06 1.28 23.24
N THR A 159 10.18 2.25 22.34
CA THR A 159 9.43 3.50 22.43
C THR A 159 8.12 3.42 21.65
N ALA A 160 7.34 4.49 21.76
CA ALA A 160 5.92 4.43 21.38
C ALA A 160 5.72 4.20 19.88
N GLU A 161 6.68 4.58 19.06
CA GLU A 161 6.51 4.39 17.62
C GLU A 161 6.70 2.94 17.19
N ASN A 162 7.02 2.02 18.11
CA ASN A 162 7.18 0.64 17.69
C ASN A 162 5.86 0.02 17.25
N THR A 163 4.70 0.57 17.67
CA THR A 163 3.43 0.01 17.21
C THR A 163 3.28 0.19 15.71
N THR A 164 3.69 1.35 15.17
CA THR A 164 3.63 1.55 13.73
C THR A 164 4.65 0.68 13.00
N GLN A 165 5.86 0.55 13.55
CA GLN A 165 6.87 -0.29 12.90
C GLN A 165 6.39 -1.73 12.83
N VAL A 166 5.82 -2.23 13.92
CA VAL A 166 5.34 -3.60 13.94
C VAL A 166 4.17 -3.77 12.98
N ALA A 167 3.27 -2.78 12.94
CA ALA A 167 2.17 -2.84 11.99
C ALA A 167 2.67 -2.99 10.55
N SER A 168 3.69 -2.21 10.17
CA SER A 168 4.22 -2.30 8.81
C SER A 168 4.79 -3.68 8.53
N ARG A 169 5.49 -4.25 9.52
CA ARG A 169 6.07 -5.58 9.34
C ARG A 169 4.99 -6.63 9.14
N ILE A 170 3.87 -6.50 9.86
CA ILE A 170 2.77 -7.45 9.67
C ILE A 170 2.16 -7.29 8.28
N LEU A 171 1.97 -6.04 7.83
CA LEU A 171 1.43 -5.86 6.49
C LEU A 171 2.34 -6.45 5.43
N SER A 172 3.64 -6.21 5.56
CA SER A 172 4.61 -6.71 4.59
C SER A 172 4.55 -8.24 4.52
N ALA A 173 4.43 -8.88 5.68
CA ALA A 173 4.42 -10.34 5.72
C ALA A 173 3.13 -10.89 5.12
N LEU A 174 2.00 -10.28 5.43
CA LEU A 174 0.75 -10.79 4.85
C LEU A 174 0.75 -10.61 3.34
N GLU A 175 1.37 -9.53 2.83
CA GLU A 175 1.41 -9.35 1.38
C GLU A 175 2.28 -10.40 0.73
N ARG A 176 3.40 -10.73 1.38
CA ARG A 176 4.31 -11.73 0.84
C ARG A 176 3.65 -13.11 0.79
N GLN A 177 2.94 -13.50 1.86
CA GLN A 177 2.26 -14.80 1.85
C GLN A 177 1.11 -14.80 0.85
N ALA A 178 0.38 -13.69 0.74
CA ALA A 178 -0.72 -13.63 -0.22
C ALA A 178 -0.20 -13.81 -1.65
N VAL A 179 0.90 -13.13 -1.98
CA VAL A 179 1.52 -13.31 -3.30
C VAL A 179 1.97 -14.75 -3.51
N ALA A 180 2.62 -15.33 -2.49
CA ALA A 180 3.16 -16.68 -2.65
C ALA A 180 2.06 -17.71 -2.86
N TYR A 181 0.92 -17.55 -2.17
CA TYR A 181 -0.16 -18.52 -2.26
C TYR A 181 -1.27 -18.08 -3.19
N SER A 182 -1.06 -17.02 -3.99
CA SER A 182 -2.05 -16.55 -4.96
C SER A 182 -3.38 -16.23 -4.29
N LEU A 183 -3.33 -15.45 -3.21
CA LEU A 183 -4.52 -15.00 -2.53
C LEU A 183 -4.65 -13.48 -2.68
N ASP A 184 -5.89 -13.01 -2.57
CA ASP A 184 -6.20 -11.59 -2.76
C ASP A 184 -6.28 -10.89 -1.40
N LEU A 185 -5.44 -9.89 -1.22
CA LEU A 185 -5.55 -9.06 -0.02
C LEU A 185 -6.55 -7.92 -0.25
N PRO A 186 -7.44 -7.64 0.70
CA PRO A 186 -8.34 -6.49 0.56
C PRO A 186 -7.57 -5.18 0.59
N PRO A 187 -8.19 -4.08 0.18
CA PRO A 187 -7.54 -2.76 0.27
C PRO A 187 -7.05 -2.45 1.67
N THR A 188 -5.92 -1.74 1.77
CA THR A 188 -5.35 -1.46 3.09
C THR A 188 -6.27 -0.62 3.94
N ALA A 189 -7.06 0.28 3.33
CA ALA A 189 -8.00 1.06 4.11
C ALA A 189 -9.12 0.19 4.68
N GLN A 190 -9.44 -0.93 4.02
CA GLN A 190 -10.36 -1.87 4.63
C GLN A 190 -9.67 -2.66 5.73
N VAL A 191 -8.49 -3.20 5.43
CA VAL A 191 -7.75 -3.99 6.42
C VAL A 191 -7.53 -3.17 7.69
N ASP A 192 -7.10 -1.92 7.51
CA ASP A 192 -6.99 -0.94 8.59
C ASP A 192 -6.32 -1.53 9.83
N ILE A 193 -5.09 -2.01 9.64
CA ILE A 193 -4.38 -2.65 10.73
C ILE A 193 -4.10 -1.65 11.83
N HIS A 194 -4.36 -2.06 13.06
CA HIS A 194 -3.99 -1.29 14.24
C HIS A 194 -3.26 -2.20 15.22
N VAL A 195 -1.99 -1.88 15.50
CA VAL A 195 -1.25 -2.57 16.54
C VAL A 195 -1.62 -1.91 17.86
N GLU A 196 -2.32 -2.65 18.72
CA GLU A 196 -2.77 -2.10 19.99
C GLU A 196 -1.69 -2.17 21.06
N SER A 197 -0.86 -3.20 21.04
CA SER A 197 0.13 -3.39 22.09
C SER A 197 1.35 -4.08 21.52
N VAL A 198 2.54 -3.57 21.84
CA VAL A 198 3.80 -4.28 21.63
C VAL A 198 4.31 -4.68 23.01
N VAL A 199 4.15 -5.95 23.36
CA VAL A 199 4.31 -6.42 24.74
C VAL A 199 5.74 -6.84 24.99
N ARG A 200 6.33 -6.28 26.04
CA ARG A 200 7.69 -6.59 26.48
C ARG A 200 8.70 -6.67 25.33
N PRO A 201 8.91 -5.58 24.59
CA PRO A 201 9.97 -5.60 23.58
C PRO A 201 11.31 -5.90 24.24
N ARG A 202 12.03 -6.86 23.68
CA ARG A 202 13.20 -7.41 24.36
C ARG A 202 14.18 -7.92 23.33
N GLY A 203 15.30 -8.44 23.81
CA GLY A 203 16.30 -8.99 22.93
C GLY A 203 16.32 -10.50 23.01
N MET A 204 16.82 -11.15 21.97
CA MET A 204 17.04 -12.58 21.99
C MET A 204 18.32 -12.88 21.24
N ARG A 205 19.24 -13.57 21.90
CA ARG A 205 20.49 -13.93 21.25
C ARG A 205 20.22 -14.87 20.09
N LEU A 206 20.80 -14.57 18.95
CA LEU A 206 20.62 -15.43 17.79
C LEU A 206 21.56 -16.62 17.90
N VAL A 207 20.99 -17.83 17.91
CA VAL A 207 21.74 -19.06 17.93
C VAL A 207 21.48 -19.79 16.63
N THR A 208 22.53 -20.30 16.01
CA THR A 208 22.41 -21.08 14.79
C THR A 208 22.81 -22.53 15.06
N SER A 209 22.71 -23.37 14.04
CA SER A 209 23.15 -24.75 14.17
C SER A 209 24.65 -24.83 14.47
N THR A 210 25.42 -23.84 14.03
CA THR A 210 26.85 -23.78 14.27
C THR A 210 27.21 -23.12 15.61
N GLY A 211 26.22 -22.71 16.39
CA GLY A 211 26.44 -22.22 17.73
C GLY A 211 25.85 -20.85 17.96
N ALA A 212 26.04 -20.35 19.19
CA ALA A 212 25.52 -19.05 19.58
C ALA A 212 26.35 -17.93 18.98
N THR A 213 25.68 -16.91 18.44
CA THR A 213 26.35 -15.74 17.88
C THR A 213 26.29 -14.58 18.87
N GLU A 214 26.91 -13.47 18.46
CA GLU A 214 26.87 -12.23 19.20
C GLU A 214 25.74 -11.30 18.75
N GLN A 215 24.99 -11.66 17.71
CA GLN A 215 23.84 -10.84 17.34
C GLN A 215 22.68 -11.16 18.27
N PHE A 216 22.00 -10.11 18.71
CA PHE A 216 20.68 -10.20 19.30
C PHE A 216 19.66 -9.70 18.29
N VAL A 217 18.46 -10.30 18.33
CA VAL A 217 17.35 -9.84 17.51
C VAL A 217 16.29 -9.28 18.44
N GLY A 218 15.40 -8.48 17.86
CA GLY A 218 14.28 -7.96 18.61
C GLY A 218 13.19 -9.02 18.71
N LEU A 219 12.55 -9.07 19.85
CA LEU A 219 11.54 -10.08 20.13
C LEU A 219 10.41 -9.39 20.87
N ALA A 220 9.17 -9.60 20.44
CA ALA A 220 8.05 -9.05 21.19
C ALA A 220 6.80 -9.88 20.96
N ASP A 221 5.84 -9.71 21.86
CA ASP A 221 4.50 -10.23 21.65
C ASP A 221 3.60 -9.08 21.23
N VAL A 222 2.60 -9.38 20.41
CA VAL A 222 1.83 -8.33 19.75
C VAL A 222 0.34 -8.61 19.90
N GLU A 223 -0.43 -7.55 20.11
CA GLU A 223 -1.87 -7.59 19.93
C GLU A 223 -2.23 -6.58 18.84
N PHE A 224 -3.00 -7.03 17.85
CA PHE A 224 -3.39 -6.13 16.77
C PHE A 224 -4.81 -6.45 16.31
N TYR A 225 -5.41 -5.47 15.63
CA TYR A 225 -6.73 -5.60 15.04
C TYR A 225 -6.62 -5.39 13.54
N ALA A 226 -7.40 -6.14 12.78
CA ALA A 226 -7.49 -5.92 11.35
C ALA A 226 -8.83 -6.44 10.87
N CYS A 227 -9.33 -5.85 9.77
CA CYS A 227 -10.60 -6.25 9.18
C CYS A 227 -10.34 -7.38 8.17
N LEU A 228 -9.88 -8.50 8.72
CA LEU A 228 -9.39 -9.64 7.98
C LEU A 228 -9.73 -10.91 8.74
N ASP A 229 -10.16 -11.94 8.02
CA ASP A 229 -10.34 -13.27 8.60
C ASP A 229 -9.25 -14.15 8.00
N LEU A 230 -8.22 -14.46 8.81
CA LEU A 230 -7.10 -15.27 8.37
C LEU A 230 -7.37 -16.72 8.78
N LYS A 231 -7.45 -17.62 7.80
CA LYS A 231 -7.63 -19.05 8.07
C LYS A 231 -6.36 -19.80 7.71
N GLY A 232 -6.04 -20.82 8.50
CA GLY A 232 -4.74 -21.43 8.38
C GLY A 232 -3.77 -20.74 9.30
N TYR A 233 -2.49 -21.02 9.11
CA TYR A 233 -1.43 -20.49 9.96
C TYR A 233 -0.62 -19.46 9.18
N TRP A 234 -0.68 -18.21 9.61
CA TRP A 234 0.04 -17.09 9.01
C TRP A 234 1.13 -16.60 9.95
N PHE A 235 2.19 -16.01 9.38
CA PHE A 235 3.35 -15.62 10.16
C PHE A 235 3.80 -14.21 9.78
N ALA A 236 4.55 -13.59 10.68
CA ALA A 236 5.18 -12.29 10.38
C ALA A 236 6.57 -12.27 11.00
N GLY A 237 7.41 -11.32 10.54
CA GLY A 237 8.77 -11.25 11.06
C GLY A 237 9.71 -12.28 10.46
N ASN A 238 10.84 -12.45 11.15
CA ASN A 238 11.95 -13.29 10.73
C ASN A 238 11.96 -14.60 11.53
N LEU A 239 12.76 -15.56 11.06
CA LEU A 239 13.02 -16.82 11.78
C LEU A 239 11.75 -17.67 11.95
N THR A 240 10.80 -17.59 11.01
CA THR A 240 9.53 -18.28 11.21
C THR A 240 9.65 -19.80 11.06
N SER A 241 10.72 -20.31 10.45
CA SER A 241 10.89 -21.77 10.45
C SER A 241 11.08 -22.29 11.87
N ARG A 242 11.47 -21.44 12.81
CA ARG A 242 11.56 -21.81 14.22
C ARG A 242 10.30 -21.50 15.01
N GLY A 243 9.23 -21.09 14.33
CA GLY A 243 7.94 -20.88 14.94
C GLY A 243 7.68 -19.46 15.38
N TYR A 244 8.67 -18.58 15.28
CA TYR A 244 8.47 -17.19 15.66
C TYR A 244 7.45 -16.50 14.75
N GLY A 245 6.79 -15.49 15.32
CA GLY A 245 5.92 -14.64 14.56
C GLY A 245 4.60 -15.24 14.15
N ARG A 246 4.12 -16.27 14.87
CA ARG A 246 2.86 -16.90 14.51
C ARG A 246 1.67 -16.02 14.88
N ILE A 247 0.76 -15.83 13.93
CA ILE A 247 -0.43 -15.02 14.11
C ILE A 247 -1.56 -15.91 14.66
N ILE A 248 -2.25 -15.41 15.68
CA ILE A 248 -3.20 -16.19 16.45
C ILE A 248 -4.48 -15.39 16.58
N ALA A 249 -5.59 -15.92 16.07
CA ALA A 249 -6.86 -15.25 16.24
C ALA A 249 -7.32 -15.39 17.68
N ASP A 250 -7.74 -14.27 18.28
CA ASP A 250 -8.38 -14.33 19.59
C ASP A 250 -9.70 -15.08 19.49
N HIS A 251 -10.00 -15.88 20.50
CA HIS A 251 -11.26 -16.64 20.45
C HIS A 251 -12.28 -16.17 21.48
N GLY B 2 7.98 21.60 -7.03
CA GLY B 2 6.57 21.85 -6.78
C GLY B 2 6.33 23.16 -6.06
N GLN B 3 6.55 24.27 -6.76
CA GLN B 3 6.05 25.56 -6.32
C GLN B 3 4.66 25.79 -6.90
N GLN B 4 3.72 26.22 -6.07
CA GLN B 4 2.37 26.51 -6.51
C GLN B 4 2.09 28.00 -6.38
N HIS B 5 1.37 28.52 -7.36
CA HIS B 5 0.91 29.90 -7.32
C HIS B 5 -0.60 29.89 -7.46
N LEU B 6 -1.29 30.62 -6.56
CA LEU B 6 -2.74 30.68 -6.57
C LEU B 6 -3.17 32.14 -6.68
N LEU B 7 -3.82 32.47 -7.79
CA LEU B 7 -4.51 33.75 -7.95
C LEU B 7 -5.93 33.57 -7.44
N ARG B 8 -6.28 34.29 -6.38
CA ARG B 8 -7.46 34.00 -5.59
C ARG B 8 -8.38 35.23 -5.54
N PHE B 9 -9.62 35.08 -5.99
CA PHE B 9 -10.59 36.17 -5.94
C PHE B 9 -11.66 35.88 -4.88
N ALA B 10 -11.76 36.77 -3.89
CA ALA B 10 -12.82 36.73 -2.90
C ALA B 10 -14.09 37.37 -3.46
N LEU B 11 -15.19 36.61 -3.50
CA LEU B 11 -16.37 37.17 -4.16
C LEU B 11 -17.15 38.05 -3.17
N PRO B 12 -17.81 39.11 -3.66
CA PRO B 12 -18.60 39.95 -2.74
C PRO B 12 -19.80 39.18 -2.22
N ALA B 13 -20.25 39.57 -1.02
CA ALA B 13 -21.37 38.91 -0.36
C ALA B 13 -22.54 38.70 -1.32
N GLY B 14 -23.02 37.47 -1.40
CA GLY B 14 -24.20 37.14 -2.19
C GLY B 14 -23.99 37.02 -3.68
N LYS B 15 -22.75 36.99 -4.17
CA LYS B 15 -22.46 36.85 -5.59
C LYS B 15 -21.91 35.47 -5.88
N LYS B 16 -22.43 34.83 -6.92
CA LYS B 16 -21.99 33.51 -7.31
C LYS B 16 -21.27 33.55 -8.65
N LEU B 17 -20.11 32.90 -8.68
CA LEU B 17 -19.39 32.64 -9.91
C LEU B 17 -18.64 31.34 -9.64
N TRP B 18 -19.17 30.22 -10.13
CA TRP B 18 -18.53 28.95 -9.86
C TRP B 18 -17.22 28.85 -10.63
N PRO B 19 -16.28 28.03 -10.13
CA PRO B 19 -15.06 27.76 -10.92
C PRO B 19 -15.32 27.39 -12.37
N ASN B 20 -16.29 26.50 -12.64
CA ASN B 20 -16.58 26.17 -14.03
C ASN B 20 -17.12 27.35 -14.81
N ASP B 21 -17.81 28.29 -14.14
CA ASP B 21 -18.26 29.51 -14.82
C ASP B 21 -17.05 30.33 -15.26
N LEU B 22 -16.08 30.49 -14.35
CA LEU B 22 -14.88 31.23 -14.72
C LEU B 22 -14.12 30.51 -15.83
N ARG B 23 -14.04 29.18 -15.74
CA ARG B 23 -13.38 28.39 -16.79
C ARG B 23 -14.05 28.63 -18.13
N GLU B 24 -15.39 28.53 -18.18
CA GLU B 24 -16.11 28.70 -19.43
C GLU B 24 -15.90 30.09 -20.01
N ALA B 25 -15.97 31.12 -19.16
CA ALA B 25 -15.74 32.49 -19.63
C ALA B 25 -14.32 32.70 -20.12
N LEU B 26 -13.33 32.06 -19.47
CA LEU B 26 -11.94 32.24 -19.91
C LEU B 26 -11.70 31.66 -21.29
N ALA B 27 -12.53 30.70 -21.70
CA ALA B 27 -12.35 30.06 -22.99
C ALA B 27 -12.64 31.00 -24.15
N LYS B 28 -13.25 32.14 -23.91
CA LYS B 28 -13.51 33.13 -24.94
C LYS B 28 -12.39 34.17 -25.07
N HIS B 29 -11.25 33.97 -24.40
CA HIS B 29 -10.23 35.00 -24.30
C HIS B 29 -8.92 34.65 -25.00
N ASP B 30 -8.92 33.66 -25.89
CA ASP B 30 -7.74 33.36 -26.70
C ASP B 30 -6.52 33.03 -25.84
N LEU B 31 -6.69 32.08 -24.92
CA LEU B 31 -5.59 31.62 -24.09
C LEU B 31 -5.02 30.33 -24.65
N PRO B 32 -3.80 29.95 -24.27
CA PRO B 32 -3.20 28.74 -24.84
C PRO B 32 -3.95 27.50 -24.40
N PRO B 33 -4.05 26.49 -25.27
CA PRO B 33 -4.79 25.28 -24.89
C PRO B 33 -4.32 24.63 -23.61
N LEU B 34 -3.02 24.70 -23.30
CA LEU B 34 -2.53 24.04 -22.09
C LEU B 34 -3.08 24.69 -20.83
N PHE B 35 -3.52 25.94 -20.92
CA PHE B 35 -4.20 26.55 -19.77
C PHE B 35 -5.42 25.73 -19.37
N PHE B 36 -6.12 25.18 -20.37
CA PHE B 36 -7.29 24.34 -20.13
C PHE B 36 -6.97 22.84 -20.03
N SER B 37 -5.69 22.49 -19.85
CA SER B 37 -5.23 21.10 -19.74
C SER B 37 -5.54 20.31 -21.02
N ARG B 38 -5.46 20.99 -22.16
CA ARG B 38 -5.45 20.34 -23.46
C ARG B 38 -4.03 20.39 -24.02
N ASP B 39 -3.59 19.29 -24.61
CA ASP B 39 -2.23 19.21 -25.13
C ASP B 39 -2.17 19.98 -26.45
N PRO B 40 -1.34 21.02 -26.56
CA PRO B 40 -1.33 21.80 -27.80
C PRO B 40 -0.83 21.03 -29.02
N GLN B 41 -0.24 19.86 -28.82
CA GLN B 41 0.26 19.06 -29.94
C GLN B 41 -0.66 17.89 -30.29
N THR B 42 -1.77 17.71 -29.55
CA THR B 42 -2.76 16.71 -29.93
C THR B 42 -4.14 17.29 -30.17
N GLY B 43 -4.45 18.45 -29.62
CA GLY B 43 -5.80 18.97 -29.62
C GLY B 43 -6.74 18.24 -28.70
N HIS B 44 -6.27 17.28 -27.92
CA HIS B 44 -7.08 16.58 -26.95
C HIS B 44 -6.60 16.92 -25.55
N ALA B 45 -7.38 16.50 -24.55
CA ALA B 45 -7.01 16.62 -23.15
C ALA B 45 -5.64 15.98 -22.91
N ILE B 46 -4.84 16.59 -22.03
CA ILE B 46 -3.55 16.01 -21.67
C ILE B 46 -3.74 14.57 -21.23
N THR B 47 -2.82 13.69 -21.63
CA THR B 47 -2.95 12.30 -21.26
C THR B 47 -1.55 11.68 -21.25
N ARG B 48 -1.50 10.42 -20.84
CA ARG B 48 -0.22 9.75 -20.68
C ARG B 48 0.23 9.11 -21.97
N ALA B 49 1.54 8.94 -22.11
CA ALA B 49 2.15 8.21 -23.20
C ALA B 49 2.46 6.78 -22.74
N MET B 50 2.77 5.91 -23.69
CA MET B 50 3.19 4.56 -23.32
C MET B 50 4.44 4.62 -22.47
N ARG B 51 4.56 3.68 -21.52
CA ARG B 51 5.75 3.60 -20.68
C ARG B 51 6.38 2.20 -20.75
N ASN B 52 5.55 1.15 -20.78
CA ASN B 52 6.02 -0.23 -20.83
C ASN B 52 6.35 -0.59 -22.27
N GLU B 53 7.64 -0.84 -22.55
CA GLU B 53 8.08 -1.03 -23.92
C GLU B 53 7.63 -2.37 -24.49
N LYS B 54 7.30 -3.35 -23.64
CA LYS B 54 6.89 -4.65 -24.14
C LYS B 54 5.54 -4.58 -24.85
N ARG B 55 4.75 -3.54 -24.57
CA ARG B 55 3.47 -3.39 -25.24
C ARG B 55 3.62 -2.98 -26.69
N VAL B 56 4.84 -2.70 -27.16
CA VAL B 56 4.99 -2.09 -28.48
C VAL B 56 4.49 -3.04 -29.56
N ARG B 57 4.86 -4.32 -29.46
CA ARG B 57 4.43 -5.28 -30.46
C ARG B 57 2.91 -5.37 -30.49
N GLY B 58 2.28 -5.45 -29.31
CA GLY B 58 0.83 -5.37 -29.25
C GLY B 58 0.29 -4.10 -29.89
N TYR B 59 0.97 -2.97 -29.67
CA TYR B 59 0.51 -1.71 -30.25
C TYR B 59 0.61 -1.75 -31.77
N ILE B 60 1.68 -2.34 -32.30
CA ILE B 60 1.86 -2.39 -33.76
C ILE B 60 0.72 -3.15 -34.42
N GLU B 61 0.28 -4.24 -33.81
CA GLU B 61 -0.98 -4.85 -34.23
C GLU B 61 -2.14 -3.95 -33.84
N GLN B 62 -3.07 -3.74 -34.78
CA GLN B 62 -4.27 -2.90 -34.73
C GLN B 62 -3.94 -1.40 -34.82
N HIS B 63 -2.66 -1.00 -34.82
CA HIS B 63 -2.28 0.33 -35.28
C HIS B 63 -1.39 0.31 -36.51
N GLY B 64 -0.60 -0.74 -36.71
CA GLY B 64 0.23 -0.82 -37.90
C GLY B 64 1.52 -0.04 -37.82
N HIS B 65 1.87 0.49 -36.66
CA HIS B 65 3.12 1.23 -36.48
C HIS B 65 3.39 1.36 -34.99
N GLU B 66 4.58 1.85 -34.66
CA GLU B 66 4.99 2.01 -33.27
C GLU B 66 4.40 3.29 -32.67
N PRO B 67 4.37 3.40 -31.35
CA PRO B 67 3.80 4.62 -30.71
C PRO B 67 4.60 5.85 -31.09
N PRO B 68 3.95 6.99 -31.28
CA PRO B 68 4.67 8.23 -31.55
C PRO B 68 5.50 8.63 -30.35
N PRO B 69 6.45 9.55 -30.53
CA PRO B 69 7.18 10.06 -29.38
C PRO B 69 6.22 10.82 -28.46
N PRO B 70 6.57 10.97 -27.19
CA PRO B 70 5.73 11.78 -26.30
C PRO B 70 5.73 13.23 -26.76
N THR B 71 4.57 13.88 -26.62
CA THR B 71 4.56 15.31 -26.86
C THR B 71 5.41 16.02 -25.80
N GLU B 72 5.66 17.30 -26.04
CA GLU B 72 6.41 18.10 -25.07
C GLU B 72 5.74 18.06 -23.70
N GLU B 73 4.42 18.26 -23.65
CA GLU B 73 3.72 18.20 -22.36
C GLU B 73 3.78 16.81 -21.75
N GLN B 74 3.65 15.76 -22.57
CA GLN B 74 3.74 14.40 -22.03
C GLN B 74 5.13 14.13 -21.47
N ARG B 75 6.16 14.69 -22.09
CA ARG B 75 7.51 14.53 -21.57
C ARG B 75 7.69 15.26 -20.25
N ALA B 76 7.19 16.50 -20.16
CA ALA B 76 7.29 17.25 -18.90
C ALA B 76 6.36 16.70 -17.83
N ASN B 77 5.25 16.08 -18.22
CA ASN B 77 4.13 15.78 -17.31
C ASN B 77 3.64 14.37 -17.59
N PRO B 78 4.45 13.34 -17.29
CA PRO B 78 4.13 11.99 -17.76
C PRO B 78 2.93 11.35 -17.07
N LEU B 79 2.51 11.85 -15.91
CA LEU B 79 1.30 11.32 -15.29
C LEU B 79 0.04 12.10 -15.69
N ALA B 80 0.19 13.20 -16.43
CA ALA B 80 -0.95 13.98 -16.90
C ALA B 80 -1.71 14.59 -15.73
N ILE B 81 -0.97 15.11 -14.76
CA ILE B 81 -1.53 15.93 -13.68
C ILE B 81 -1.74 17.36 -14.18
N PRO B 82 -2.91 17.96 -13.99
CA PRO B 82 -3.15 19.32 -14.53
C PRO B 82 -2.25 20.36 -13.90
N GLY B 83 -1.43 21.01 -14.72
CA GLY B 83 -0.59 22.07 -14.22
C GLY B 83 -1.35 23.36 -13.92
N ILE B 84 -2.49 23.56 -14.59
CA ILE B 84 -3.42 24.65 -14.28
C ILE B 84 -4.74 24.03 -13.83
N ARG B 85 -5.27 24.52 -12.72
CA ARG B 85 -6.60 24.14 -12.26
C ARG B 85 -7.38 25.40 -11.98
N ILE B 86 -8.67 25.41 -12.31
CA ILE B 86 -9.57 26.49 -11.90
C ILE B 86 -10.30 25.99 -10.66
N VAL B 87 -10.13 26.69 -9.53
CA VAL B 87 -10.51 26.15 -8.22
C VAL B 87 -11.41 27.15 -7.51
N GLY B 88 -11.99 26.73 -6.39
CA GLY B 88 -12.74 27.66 -5.57
C GLY B 88 -13.81 26.95 -4.76
N SER B 89 -14.79 27.73 -4.35
CA SER B 89 -15.89 27.24 -3.51
C SER B 89 -17.07 28.17 -3.74
N SER B 90 -18.06 28.16 -2.84
CA SER B 90 -19.15 29.11 -3.02
C SER B 90 -18.72 30.55 -2.72
N THR B 91 -17.53 30.72 -2.14
CA THR B 91 -17.06 31.96 -1.52
C THR B 91 -15.96 32.68 -2.32
N TRP B 92 -15.27 31.97 -3.23
CA TRP B 92 -14.07 32.49 -3.88
C TRP B 92 -13.80 31.63 -5.10
N VAL B 93 -13.08 32.19 -6.07
CA VAL B 93 -12.64 31.42 -7.23
C VAL B 93 -11.18 31.77 -7.51
N GLY B 94 -10.48 30.85 -8.16
CA GLY B 94 -9.09 31.15 -8.44
C GLY B 94 -8.47 30.28 -9.51
N ILE B 95 -7.22 30.62 -9.84
CA ILE B 95 -6.43 29.91 -10.83
C ILE B 95 -5.17 29.41 -10.13
N LEU B 96 -4.96 28.09 -10.16
CA LEU B 96 -3.84 27.47 -9.48
C LEU B 96 -2.86 26.95 -10.51
N ALA B 97 -1.61 27.39 -10.42
CA ALA B 97 -0.52 26.87 -11.24
C ALA B 97 0.39 26.03 -10.35
N THR B 98 0.59 24.78 -10.71
CA THR B 98 1.46 23.88 -9.96
C THR B 98 2.70 23.62 -10.81
N GLY B 99 3.80 24.27 -10.47
CA GLY B 99 5.08 24.18 -11.16
C GLY B 99 5.38 25.45 -11.94
N GLU B 100 6.64 25.90 -11.88
CA GLU B 100 7.01 27.14 -12.56
C GLU B 100 6.71 27.09 -14.05
N ARG B 101 6.77 25.89 -14.65
N ARG B 101 6.77 25.91 -14.65
CA ARG B 101 6.44 25.71 -16.08
CA ARG B 101 6.47 25.73 -16.06
C ARG B 101 5.13 26.37 -16.44
C ARG B 101 5.14 26.34 -16.45
N TYR B 102 4.15 26.32 -15.55
CA TYR B 102 2.79 26.76 -15.87
C TYR B 102 2.50 28.19 -15.47
N LYS B 103 3.38 28.84 -14.72
CA LYS B 103 3.12 30.22 -14.29
C LYS B 103 2.87 31.19 -15.43
N PRO B 104 3.52 31.10 -16.60
CA PRO B 104 3.17 32.02 -17.68
C PRO B 104 1.73 31.87 -18.16
N LEU B 105 1.14 30.66 -18.04
CA LEU B 105 -0.27 30.50 -18.38
C LEU B 105 -1.16 31.25 -17.39
N LEU B 106 -0.88 31.10 -16.10
CA LEU B 106 -1.58 31.92 -15.10
C LEU B 106 -1.44 33.41 -15.41
N GLU B 107 -0.23 33.85 -15.72
CA GLU B 107 -0.02 35.26 -15.99
C GLU B 107 -0.84 35.73 -17.18
N ALA B 108 -0.92 34.92 -18.25
CA ALA B 108 -1.70 35.33 -19.41
C ALA B 108 -3.19 35.46 -19.08
N ALA B 109 -3.70 34.64 -18.17
CA ALA B 109 -5.12 34.63 -17.85
C ALA B 109 -5.52 35.64 -16.78
N THR B 110 -4.56 36.38 -16.22
CA THR B 110 -4.85 37.15 -15.01
C THR B 110 -5.78 38.32 -15.27
N LEU B 111 -5.45 39.18 -16.24
CA LEU B 111 -6.36 40.28 -16.54
C LEU B 111 -7.68 39.80 -17.13
N PRO B 112 -7.73 38.80 -18.01
CA PRO B 112 -9.03 38.22 -18.37
C PRO B 112 -9.83 37.75 -17.15
N ALA B 113 -9.20 37.07 -16.17
CA ALA B 113 -9.96 36.65 -14.99
C ALA B 113 -10.49 37.85 -14.21
N ILE B 114 -9.67 38.89 -14.05
CA ILE B 114 -10.13 40.10 -13.37
C ILE B 114 -11.33 40.69 -14.09
N GLN B 115 -11.26 40.79 -15.42
CA GLN B 115 -12.39 41.34 -16.16
C GLN B 115 -13.65 40.50 -15.92
N ILE B 116 -13.52 39.18 -15.91
CA ILE B 116 -14.68 38.31 -15.78
C ILE B 116 -15.30 38.43 -14.40
N VAL B 117 -14.48 38.28 -13.35
CA VAL B 117 -15.00 38.28 -11.98
C VAL B 117 -15.60 39.64 -11.65
N THR B 118 -14.96 40.73 -12.08
CA THR B 118 -15.52 42.03 -11.75
C THR B 118 -16.77 42.33 -12.56
N GLN B 119 -16.82 41.90 -13.82
CA GLN B 119 -18.03 42.12 -14.61
C GLN B 119 -19.18 41.28 -14.08
N ARG B 120 -18.91 40.04 -13.68
CA ARG B 120 -19.99 39.16 -13.23
C ARG B 120 -20.47 39.52 -11.83
N CYS B 121 -19.57 39.97 -10.96
CA CYS B 121 -19.89 40.10 -9.55
C CYS B 121 -20.08 41.52 -9.08
N GLY B 122 -19.79 42.52 -9.93
CA GLY B 122 -19.92 43.89 -9.51
C GLY B 122 -18.77 44.29 -8.60
N ARG B 123 -18.97 45.40 -7.89
CA ARG B 123 -17.91 45.95 -7.06
C ARG B 123 -17.71 45.11 -5.80
N GLY B 124 -16.49 45.17 -5.27
CA GLY B 124 -16.16 44.54 -4.01
C GLY B 124 -15.35 43.26 -4.09
N VAL B 125 -14.77 42.95 -5.25
CA VAL B 125 -13.95 41.74 -5.39
C VAL B 125 -12.62 41.97 -4.69
N GLY B 126 -12.20 41.00 -3.89
CA GLY B 126 -10.88 41.00 -3.30
C GLY B 126 -9.94 40.11 -4.09
N VAL B 127 -8.64 40.42 -4.04
CA VAL B 127 -7.65 39.66 -4.78
C VAL B 127 -6.49 39.31 -3.88
N GLU B 128 -6.01 38.06 -3.98
CA GLU B 128 -4.85 37.62 -3.25
C GLU B 128 -3.99 36.77 -4.19
N LEU B 129 -2.70 36.73 -3.92
CA LEU B 129 -1.78 35.90 -4.71
C LEU B 129 -0.92 35.10 -3.74
N GLU B 130 -1.21 33.79 -3.64
CA GLU B 130 -0.54 32.87 -2.74
C GLU B 130 0.58 32.14 -3.44
N GLN B 131 1.65 31.86 -2.69
CA GLN B 131 2.72 30.97 -3.15
C GLN B 131 2.97 29.92 -2.09
N HIS B 132 3.08 28.65 -2.52
CA HIS B 132 3.27 27.53 -1.60
C HIS B 132 4.29 26.56 -2.17
N THR B 133 4.98 25.84 -1.27
CA THR B 133 5.79 24.70 -1.64
C THR B 133 4.99 23.46 -1.30
N LEU B 134 4.77 22.59 -2.29
CA LEU B 134 4.03 21.37 -2.02
C LEU B 134 4.86 20.50 -1.09
N SER B 135 4.26 19.98 -0.02
CA SER B 135 5.04 19.14 0.90
C SER B 135 4.11 18.21 1.67
N ILE B 136 4.71 17.14 2.17
CA ILE B 136 3.97 16.13 2.93
C ILE B 136 4.90 15.64 4.02
N LYS B 137 4.39 15.60 5.26
CA LYS B 137 5.15 15.10 6.41
C LYS B 137 4.26 14.16 7.20
N GLY B 138 4.82 13.05 7.68
CA GLY B 138 4.09 12.19 8.58
C GLY B 138 3.84 12.88 9.91
N LEU B 139 2.78 12.45 10.59
CA LEU B 139 2.44 12.96 11.90
C LEU B 139 2.27 11.78 12.86
N ASP B 140 2.28 12.09 14.16
CA ASP B 140 2.04 11.07 15.16
C ASP B 140 0.56 10.93 15.51
N ASP B 141 -0.24 11.94 15.26
CA ASP B 141 -1.65 11.96 15.59
C ASP B 141 -2.47 12.37 14.38
N PRO B 142 -3.73 11.95 14.32
CA PRO B 142 -4.52 12.17 13.10
C PRO B 142 -4.90 13.64 12.91
N LYS B 143 -4.91 14.06 11.64
CA LYS B 143 -5.29 15.42 11.26
C LYS B 143 -6.56 15.33 10.41
N ARG B 144 -7.47 16.27 10.61
CA ARG B 144 -8.77 16.21 9.95
C ARG B 144 -8.76 16.99 8.64
N TYR B 145 -9.33 16.39 7.60
CA TYR B 145 -9.38 16.96 6.26
C TYR B 145 -10.77 16.79 5.67
N PHE B 146 -11.07 17.65 4.70
CA PHE B 146 -12.23 17.47 3.85
C PHE B 146 -11.76 17.32 2.42
N VAL B 147 -12.65 16.81 1.58
CA VAL B 147 -12.52 16.91 0.13
C VAL B 147 -13.79 17.59 -0.35
N ARG B 148 -13.66 18.75 -1.01
CA ARG B 148 -14.83 19.42 -1.58
C ARG B 148 -15.11 18.83 -2.95
N ASN B 149 -16.30 18.25 -3.11
CA ASN B 149 -16.81 17.86 -4.43
C ASN B 149 -15.85 16.86 -5.11
N LEU B 150 -15.53 15.78 -4.38
CA LEU B 150 -14.76 14.69 -4.98
C LEU B 150 -15.52 14.10 -6.14
N VAL B 151 -14.86 13.91 -7.27
CA VAL B 151 -15.48 13.27 -8.43
C VAL B 151 -14.80 11.92 -8.62
N MET B 152 -15.62 10.88 -8.74
CA MET B 152 -15.17 9.55 -9.15
C MET B 152 -15.95 9.20 -10.41
N LYS B 153 -15.25 9.12 -11.53
CA LYS B 153 -15.88 8.79 -12.80
C LYS B 153 -16.59 7.45 -12.73
N ARG B 154 -16.02 6.51 -11.99
CA ARG B 154 -16.64 5.21 -11.76
C ARG B 154 -16.42 4.82 -10.31
N GLY B 155 -17.35 4.02 -9.78
CA GLY B 155 -17.10 3.31 -8.54
C GLY B 155 -17.68 3.89 -7.27
N LEU B 156 -18.37 5.03 -7.33
CA LEU B 156 -18.94 5.65 -6.13
C LEU B 156 -20.37 5.13 -5.90
N THR B 157 -20.57 4.44 -4.79
CA THR B 157 -21.88 3.93 -4.44
C THR B 157 -22.45 4.73 -3.28
N LYS B 158 -23.73 4.46 -2.98
CA LYS B 158 -24.40 5.08 -1.85
C LYS B 158 -24.32 4.25 -0.57
N THR B 159 -23.75 3.07 -0.63
CA THR B 159 -23.78 2.14 0.50
C THR B 159 -22.54 2.28 1.37
N ALA B 160 -22.51 1.53 2.47
CA ALA B 160 -21.56 1.80 3.55
C ALA B 160 -20.12 1.53 3.15
N GLU B 161 -19.89 0.72 2.13
CA GLU B 161 -18.51 0.45 1.76
C GLU B 161 -17.90 1.58 0.94
N ASN B 162 -18.66 2.65 0.63
CA ASN B 162 -18.05 3.74 -0.14
C ASN B 162 -16.99 4.48 0.66
N THR B 163 -16.98 4.35 1.99
CA THR B 163 -15.92 4.98 2.76
C THR B 163 -14.57 4.34 2.44
N THR B 164 -14.55 3.03 2.26
CA THR B 164 -13.31 2.36 1.89
C THR B 164 -12.91 2.66 0.46
N GLN B 165 -13.88 2.67 -0.47
CA GLN B 165 -13.57 3.01 -1.85
C GLN B 165 -13.02 4.42 -1.94
N VAL B 166 -13.64 5.36 -1.22
CA VAL B 166 -13.14 6.74 -1.25
C VAL B 166 -11.76 6.82 -0.61
N ALA B 167 -11.55 6.09 0.49
CA ALA B 167 -10.23 6.09 1.13
C ALA B 167 -9.16 5.62 0.15
N SER B 168 -9.46 4.56 -0.60
CA SER B 168 -8.49 4.03 -1.56
C SER B 168 -8.20 5.04 -2.67
N ARG B 169 -9.22 5.75 -3.14
CA ARG B 169 -8.97 6.77 -4.16
C ARG B 169 -8.09 7.88 -3.63
N ILE B 170 -8.32 8.30 -2.38
CA ILE B 170 -7.48 9.35 -1.83
C ILE B 170 -6.04 8.88 -1.72
N LEU B 171 -5.82 7.63 -1.27
CA LEU B 171 -4.44 7.12 -1.21
C LEU B 171 -3.80 7.07 -2.59
N SER B 172 -4.56 6.64 -3.61
CA SER B 172 -4.00 6.59 -4.95
C SER B 172 -3.60 7.96 -5.43
N ALA B 173 -4.43 8.96 -5.11
CA ALA B 173 -4.15 10.32 -5.56
C ALA B 173 -2.93 10.90 -4.84
N LEU B 174 -2.79 10.62 -3.54
CA LEU B 174 -1.62 11.11 -2.82
C LEU B 174 -0.33 10.48 -3.37
N GLU B 175 -0.39 9.19 -3.73
CA GLU B 175 0.76 8.52 -4.31
C GLU B 175 1.15 9.15 -5.66
N ARG B 176 0.17 9.40 -6.54
CA ARG B 176 0.46 10.05 -7.82
C ARG B 176 1.15 11.39 -7.63
N GLN B 177 0.64 12.21 -6.71
CA GLN B 177 1.25 13.51 -6.52
C GLN B 177 2.64 13.38 -5.91
N ALA B 178 2.81 12.47 -4.96
CA ALA B 178 4.12 12.28 -4.34
C ALA B 178 5.15 11.81 -5.37
N VAL B 179 4.74 10.94 -6.29
CA VAL B 179 5.64 10.50 -7.35
C VAL B 179 5.96 11.66 -8.28
N ALA B 180 4.93 12.40 -8.72
CA ALA B 180 5.14 13.44 -9.71
C ALA B 180 6.07 14.54 -9.21
N TYR B 181 5.98 14.87 -7.91
CA TYR B 181 6.75 15.96 -7.36
C TYR B 181 7.89 15.49 -6.47
N SER B 182 8.24 14.21 -6.55
CA SER B 182 9.40 13.66 -5.85
C SER B 182 9.31 13.88 -4.34
N LEU B 183 8.16 13.55 -3.77
CA LEU B 183 7.94 13.63 -2.33
C LEU B 183 7.84 12.24 -1.75
N ASP B 184 8.05 12.13 -0.44
CA ASP B 184 8.06 10.85 0.26
C ASP B 184 6.76 10.65 1.04
N LEU B 185 6.05 9.55 0.76
CA LEU B 185 4.89 9.16 1.57
C LEU B 185 5.33 8.38 2.81
N PRO B 186 4.78 8.68 3.99
CA PRO B 186 5.03 7.84 5.16
C PRO B 186 4.43 6.45 4.96
N PRO B 187 4.78 5.47 5.79
CA PRO B 187 4.19 4.14 5.69
C PRO B 187 2.67 4.17 5.84
N THR B 188 2.00 3.27 5.11
CA THR B 188 0.55 3.21 5.15
C THR B 188 0.01 3.03 6.57
N ALA B 189 0.70 2.23 7.40
CA ALA B 189 0.22 2.03 8.76
C ALA B 189 0.36 3.29 9.60
N GLN B 190 1.31 4.17 9.27
CA GLN B 190 1.40 5.45 9.95
C GLN B 190 0.31 6.39 9.48
N VAL B 191 0.14 6.50 8.15
CA VAL B 191 -0.88 7.40 7.58
C VAL B 191 -2.25 7.08 8.16
N ASP B 192 -2.61 5.79 8.17
CA ASP B 192 -3.82 5.28 8.79
C ASP B 192 -5.04 6.08 8.39
N ILE B 193 -5.26 6.19 7.08
CA ILE B 193 -6.39 7.00 6.61
C ILE B 193 -7.71 6.40 7.09
N HIS B 194 -8.61 7.29 7.53
CA HIS B 194 -9.97 6.92 7.90
C HIS B 194 -10.93 7.88 7.22
N VAL B 195 -11.76 7.39 6.32
CA VAL B 195 -12.82 8.22 5.76
C VAL B 195 -14.00 8.16 6.72
N GLU B 196 -14.27 9.30 7.37
CA GLU B 196 -15.30 9.36 8.41
C GLU B 196 -16.69 9.55 7.80
N SER B 197 -16.80 10.27 6.69
CA SER B 197 -18.10 10.54 6.08
C SER B 197 -17.96 10.66 4.58
N VAL B 198 -18.90 10.07 3.85
CA VAL B 198 -19.07 10.31 2.43
C VAL B 198 -20.43 10.98 2.28
N VAL B 199 -20.41 12.29 2.04
CA VAL B 199 -21.58 13.13 2.21
C VAL B 199 -22.32 13.26 0.88
N ARG B 200 -23.62 12.91 0.91
CA ARG B 200 -24.52 13.00 -0.22
C ARG B 200 -23.92 12.44 -1.52
N PRO B 201 -23.51 11.17 -1.54
CA PRO B 201 -23.08 10.57 -2.81
C PRO B 201 -24.15 10.75 -3.86
N ARG B 202 -23.77 11.32 -5.00
CA ARG B 202 -24.74 11.75 -6.00
C ARG B 202 -24.12 11.70 -7.40
N GLY B 203 -24.91 12.11 -8.39
CA GLY B 203 -24.46 12.15 -9.76
C GLY B 203 -24.17 13.55 -10.24
N MET B 204 -23.34 13.69 -11.26
CA MET B 204 -23.13 14.96 -11.93
C MET B 204 -22.90 14.69 -13.40
N ARG B 205 -23.65 15.37 -14.24
CA ARG B 205 -23.49 15.19 -15.68
C ARG B 205 -22.14 15.74 -16.11
N LEU B 206 -21.39 14.94 -16.86
CA LEU B 206 -20.10 15.37 -17.36
C LEU B 206 -20.29 16.38 -18.48
N VAL B 207 -19.78 17.59 -18.30
CA VAL B 207 -19.76 18.63 -19.33
C VAL B 207 -18.31 18.95 -19.64
N THR B 208 -17.99 18.99 -20.93
CA THR B 208 -16.64 19.29 -21.39
C THR B 208 -16.67 20.61 -22.15
N SER B 209 -15.49 21.01 -22.64
CA SER B 209 -15.46 22.23 -23.44
C SER B 209 -16.19 22.05 -24.76
N THR B 210 -16.35 20.81 -25.23
CA THR B 210 -17.09 20.53 -26.45
C THR B 210 -18.58 20.31 -26.20
N GLY B 211 -19.04 20.36 -24.96
CA GLY B 211 -20.46 20.35 -24.68
C GLY B 211 -20.84 19.30 -23.66
N ALA B 212 -22.14 19.26 -23.37
CA ALA B 212 -22.66 18.32 -22.37
C ALA B 212 -22.69 16.91 -22.94
N THR B 213 -22.27 15.94 -22.14
CA THR B 213 -22.30 14.53 -22.52
C THR B 213 -23.47 13.84 -21.83
N GLU B 214 -23.65 12.57 -22.19
CA GLU B 214 -24.60 11.68 -21.51
C GLU B 214 -23.98 10.92 -20.35
N GLN B 215 -22.67 11.05 -20.13
CA GLN B 215 -22.06 10.38 -18.99
C GLN B 215 -22.32 11.17 -17.72
N PHE B 216 -22.72 10.48 -16.67
CA PHE B 216 -22.71 11.04 -15.32
C PHE B 216 -21.51 10.48 -14.57
N VAL B 217 -21.01 11.28 -13.63
CA VAL B 217 -19.90 10.85 -12.80
C VAL B 217 -20.37 10.87 -11.35
N GLY B 218 -19.66 10.12 -10.51
CA GLY B 218 -19.93 10.14 -9.09
C GLY B 218 -19.41 11.43 -8.46
N LEU B 219 -20.19 11.97 -7.53
CA LEU B 219 -19.85 13.23 -6.87
C LEU B 219 -20.17 13.07 -5.39
N ALA B 220 -19.24 13.49 -4.53
CA ALA B 220 -19.47 13.37 -3.10
C ALA B 220 -18.55 14.33 -2.36
N ASP B 221 -18.96 14.69 -1.16
CA ASP B 221 -18.12 15.47 -0.26
C ASP B 221 -17.60 14.56 0.83
N VAL B 222 -16.37 14.80 1.27
CA VAL B 222 -15.65 13.83 2.10
C VAL B 222 -15.13 14.51 3.35
N GLU B 223 -15.17 13.80 4.46
CA GLU B 223 -14.40 14.14 5.65
C GLU B 223 -13.50 12.94 5.97
N PHE B 224 -12.22 13.20 6.19
CA PHE B 224 -11.31 12.09 6.47
C PHE B 224 -10.20 12.54 7.43
N TYR B 225 -9.58 11.56 8.07
CA TYR B 225 -8.46 11.78 8.98
C TYR B 225 -7.25 11.02 8.45
N ALA B 226 -6.07 11.59 8.63
CA ALA B 226 -4.84 10.89 8.28
C ALA B 226 -3.70 11.50 9.09
N CYS B 227 -2.69 10.68 9.38
CA CYS B 227 -1.53 11.16 10.12
C CYS B 227 -0.52 11.76 9.13
N LEU B 228 -0.94 12.87 8.53
CA LEU B 228 -0.25 13.53 7.43
C LEU B 228 -0.47 15.03 7.52
N ASP B 229 0.56 15.81 7.23
CA ASP B 229 0.46 17.27 7.14
C ASP B 229 0.72 17.64 5.68
N LEU B 230 -0.36 17.97 4.97
CA LEU B 230 -0.30 18.28 3.55
C LEU B 230 -0.28 19.80 3.38
N LYS B 231 0.81 20.32 2.83
CA LYS B 231 0.94 21.75 2.56
C LYS B 231 0.86 22.00 1.07
N GLY B 232 0.35 23.16 0.70
CA GLY B 232 -0.01 23.40 -0.69
C GLY B 232 -1.37 22.81 -0.98
N TYR B 233 -1.73 22.84 -2.24
CA TYR B 233 -3.05 22.38 -2.70
C TYR B 233 -2.88 20.99 -3.30
N TRP B 234 -3.50 20.01 -2.65
CA TRP B 234 -3.54 18.62 -3.09
C TRP B 234 -4.96 18.28 -3.51
N PHE B 235 -5.09 17.31 -4.42
CA PHE B 235 -6.38 16.94 -4.99
C PHE B 235 -6.52 15.43 -5.02
N ALA B 236 -7.77 14.98 -5.08
CA ALA B 236 -8.09 13.57 -5.27
C ALA B 236 -9.17 13.42 -6.31
N GLY B 237 -9.36 12.18 -6.80
CA GLY B 237 -10.43 11.98 -7.75
C GLY B 237 -10.10 12.50 -9.15
N ASN B 238 -11.17 12.74 -9.91
CA ASN B 238 -11.08 13.10 -11.33
C ASN B 238 -11.52 14.54 -11.55
N LEU B 239 -11.31 15.03 -12.78
CA LEU B 239 -11.74 16.37 -13.21
C LEU B 239 -11.17 17.47 -12.31
N THR B 240 -9.94 17.29 -11.81
CA THR B 240 -9.40 18.29 -10.89
C THR B 240 -9.00 19.58 -11.58
N SER B 241 -8.84 19.58 -12.91
CA SER B 241 -8.57 20.85 -13.59
C SER B 241 -9.76 21.80 -13.45
N ARG B 242 -10.93 21.27 -13.13
CA ARG B 242 -12.14 22.07 -12.93
C ARG B 242 -12.43 22.29 -11.45
N GLY B 243 -11.46 22.07 -10.57
CA GLY B 243 -11.60 22.34 -9.16
C GLY B 243 -12.11 21.19 -8.32
N TYR B 244 -12.57 20.11 -8.93
CA TYR B 244 -13.09 18.97 -8.16
C TYR B 244 -11.99 18.27 -7.38
N GLY B 245 -12.37 17.68 -6.24
CA GLY B 245 -11.48 16.90 -5.43
C GLY B 245 -10.48 17.67 -4.60
N ARG B 246 -10.71 18.97 -4.33
CA ARG B 246 -9.69 19.74 -3.62
C ARG B 246 -9.65 19.35 -2.15
N ILE B 247 -8.48 19.03 -1.65
CA ILE B 247 -8.31 18.61 -0.26
C ILE B 247 -8.12 19.85 0.60
N ILE B 248 -8.81 19.90 1.74
CA ILE B 248 -8.88 21.10 2.58
C ILE B 248 -8.58 20.69 4.02
N ALA B 249 -7.53 21.26 4.61
CA ALA B 249 -7.28 20.97 6.03
C ALA B 249 -8.31 21.70 6.89
N ASP B 250 -8.91 20.98 7.83
CA ASP B 250 -9.82 21.62 8.79
C ASP B 250 -9.05 22.61 9.65
N HIS B 251 -9.66 23.77 9.94
CA HIS B 251 -8.97 24.82 10.70
C HIS B 251 -9.18 24.67 12.22
#